data_8JAP
#
_entry.id   8JAP
#
_cell.length_a   1.00
_cell.length_b   1.00
_cell.length_c   1.00
_cell.angle_alpha   90.00
_cell.angle_beta   90.00
_cell.angle_gamma   90.00
#
_symmetry.space_group_name_H-M   'P 1'
#
loop_
_entity.id
_entity.type
_entity.pdbx_description
1 polymer 'Spike glycoprotein'
2 polymer 'H chain of W328-6H2 Fab region'
3 polymer 'L chain of W328-6H2 Fab region'
4 non-polymer 2-acetamido-2-deoxy-beta-D-glucopyranose
#
loop_
_entity_poly.entity_id
_entity_poly.type
_entity_poly.pdbx_seq_one_letter_code
_entity_poly.pdbx_strand_id
1 'polypeptide(L)'
;MFVFLVLLPLVSSQCVNLTTRTQLPPAYTNSFTRGVYYPDKVFRSSVLHSTQDLFLPFFSNVTWFHAIHVSGTNGTKRFD
NPVLPFNDGVYFASTEKSNIIRGWIFGTTLDSKTQSLLIVNNATNVVIKVCEFQFCNDPFLGVYYHKNNKSWMESEFRVY
SSANNCTFEYVSQPFLMDLEGKQGNFKNLREFVFKNIDGYFKIYSKHTPINLVRDLPQGFSALEPLVDLPIGINITRFQT
LLALHRSYLTPGDSSSGWTAGAAAYYVGYLQPRTFLLKYNENGTITDAVDCALDPLSETKCTLKSFTVEKGIYQTSNFRV
QPTESIVRFPNITNLCPFGEVFNATRFASVYAWNRKRISNCVADYSVLYNSASFSTFKCYGVSPTKLNDLCFTNVYADSF
VIRGDEVRQIAPGQTGKIADYNYKLPDDFTGCVIAWNSNNLDSKVGGNYNYLYRLFRKSNLKPFERDISTEIYQAGSTPC
NGVEGFNCYFPLQSYGFQPTNGVGYQPYRVVVLSFELLHAPATVCGPKKSTNLVKNKCVN
;
A
2 'polypeptide(L)'
;QVQLVQSGSELKKPGASVTVSCKASGYSFPTHAMNWVRQAPGQGLEWMGWIPTYAGFTGRFVFSLDTSVSTAYLQISSLK
ADDTAVYYCARGHVLEWFQGTLVTVSS
;
H
3 'polypeptide(L)'
;DVVMTQSPLSLSVTPGQPASISCKSSQTLLHSDGQTSFYWYLQKPGQSPQLLIYDISSRFSGVPDRFSGSGSGTDFTLKI
SRVEAEDVGVYYCMQGTQFPWTFGQGTKVEIK
;
L
#
loop_
_chem_comp.id
_chem_comp.type
_chem_comp.name
_chem_comp.formula
NAG D-saccharide, beta linking 2-acetamido-2-deoxy-beta-D-glucopyranose 'C8 H15 N O6'
#
# COMPACT_ATOMS: atom_id res chain seq x y z
N ARG A 319 17.35 20.43 -50.40
CA ARG A 319 16.09 20.57 -49.71
C ARG A 319 16.18 21.83 -48.81
N VAL A 320 15.02 22.30 -48.31
CA VAL A 320 14.89 23.46 -47.44
C VAL A 320 14.90 23.07 -45.97
N GLN A 321 15.79 23.70 -45.24
CA GLN A 321 15.93 23.49 -43.81
C GLN A 321 14.74 24.06 -43.03
N PRO A 322 14.07 23.28 -42.18
CA PRO A 322 13.00 23.72 -41.31
C PRO A 322 13.48 24.83 -40.42
N THR A 323 12.62 25.82 -40.20
CA THR A 323 13.00 26.94 -39.38
C THR A 323 12.27 26.96 -38.04
N GLU A 324 11.17 26.23 -37.95
CA GLU A 324 10.39 26.20 -36.71
C GLU A 324 9.96 24.76 -36.42
N SER A 325 9.24 24.55 -35.33
CA SER A 325 8.81 23.21 -34.93
C SER A 325 7.45 23.24 -34.29
N ILE A 326 6.78 22.08 -34.29
CA ILE A 326 5.51 21.96 -33.61
C ILE A 326 5.46 20.87 -32.57
N VAL A 327 5.19 21.28 -31.34
CA VAL A 327 5.05 20.35 -30.25
C VAL A 327 3.59 20.36 -29.81
N ARG A 328 2.86 19.32 -30.22
CA ARG A 328 1.42 19.26 -29.98
C ARG A 328 1.02 18.08 -29.12
N PHE A 329 0.80 18.35 -27.85
CA PHE A 329 0.43 17.34 -26.88
C PHE A 329 -1.01 17.54 -26.44
N PRO A 330 -1.72 16.46 -26.05
CA PRO A 330 -3.06 16.46 -25.50
C PRO A 330 -3.12 17.33 -24.24
N ASN A 331 -4.28 17.98 -24.00
CA ASN A 331 -4.50 18.90 -22.89
C ASN A 331 -4.82 18.15 -21.58
N ILE A 332 -3.79 17.49 -21.01
CA ILE A 332 -3.90 16.63 -19.82
C ILE A 332 -3.38 17.32 -18.57
N THR A 333 -4.21 17.40 -17.54
CA THR A 333 -3.87 18.08 -16.30
C THR A 333 -3.71 17.19 -15.06
N ASN A 334 -3.80 15.88 -15.22
CA ASN A 334 -3.72 14.98 -14.06
C ASN A 334 -2.30 14.58 -13.66
N LEU A 335 -2.12 14.30 -12.38
CA LEU A 335 -0.82 13.93 -11.77
C LEU A 335 -0.17 12.58 -12.16
N CYS A 336 -0.97 11.57 -12.55
CA CYS A 336 -0.57 10.22 -12.98
C CYS A 336 -0.01 9.39 -11.80
N PRO A 337 -0.90 8.79 -11.00
CA PRO A 337 -0.64 8.16 -9.72
C PRO A 337 0.05 6.80 -9.78
N PHE A 338 1.29 6.78 -10.23
CA PHE A 338 2.01 5.50 -10.25
C PHE A 338 2.24 5.01 -8.84
N GLY A 339 2.33 5.93 -7.90
CA GLY A 339 2.56 5.61 -6.51
C GLY A 339 1.41 4.80 -5.91
N GLU A 340 0.24 4.73 -6.56
CA GLU A 340 -0.83 3.94 -5.98
C GLU A 340 -0.65 2.46 -6.33
N VAL A 341 0.35 2.18 -7.16
CA VAL A 341 0.71 0.83 -7.52
C VAL A 341 1.92 0.43 -6.72
N PHE A 342 2.91 1.32 -6.69
CA PHE A 342 4.20 1.07 -6.05
C PHE A 342 4.28 1.17 -4.52
N ASN A 343 3.45 2.04 -3.86
CA ASN A 343 3.46 2.24 -2.40
C ASN A 343 2.36 1.42 -1.68
N ALA A 344 1.76 0.42 -2.36
CA ALA A 344 0.70 -0.44 -1.84
C ALA A 344 1.15 -1.32 -0.66
N THR A 345 0.26 -1.49 0.30
CA THR A 345 0.50 -2.32 1.47
C THR A 345 0.27 -3.78 1.17
N ARG A 346 -0.44 -4.06 0.09
CA ARG A 346 -0.70 -5.43 -0.28
C ARG A 346 -0.50 -5.65 -1.77
N PHE A 347 0.20 -6.73 -2.08
CA PHE A 347 0.46 -7.21 -3.42
C PHE A 347 -0.12 -8.58 -3.61
N ALA A 348 -0.50 -8.88 -4.84
CA ALA A 348 -1.01 -10.19 -5.20
C ALA A 348 0.10 -11.22 -5.32
N SER A 349 -0.27 -12.49 -5.18
CA SER A 349 0.66 -13.59 -5.38
C SER A 349 0.88 -13.78 -6.85
N VAL A 350 1.83 -14.63 -7.22
CA VAL A 350 2.09 -14.94 -8.63
C VAL A 350 0.89 -15.55 -9.40
N TYR A 351 -0.21 -15.89 -8.71
CA TYR A 351 -1.40 -16.41 -9.36
C TYR A 351 -2.14 -15.35 -10.10
N ALA A 352 -2.10 -14.13 -9.63
CA ALA A 352 -2.90 -13.11 -10.23
C ALA A 352 -2.31 -11.76 -9.99
N TRP A 353 -2.70 -10.85 -10.79
CA TRP A 353 -2.29 -9.50 -10.68
C TRP A 353 -3.46 -8.67 -11.09
N ASN A 354 -3.50 -7.43 -10.63
CA ASN A 354 -4.60 -6.54 -10.91
C ASN A 354 -4.62 -5.91 -12.30
N ARG A 355 -3.46 -5.75 -12.91
CA ARG A 355 -3.39 -5.13 -14.23
C ARG A 355 -4.10 -3.79 -14.17
N LYS A 356 -3.71 -2.97 -13.22
CA LYS A 356 -4.39 -1.70 -13.06
C LYS A 356 -4.20 -0.87 -14.30
N ARG A 357 -5.28 -0.26 -14.77
CA ARG A 357 -5.23 0.57 -15.96
C ARG A 357 -4.98 2.04 -15.67
N ILE A 358 -3.93 2.56 -16.27
CA ILE A 358 -3.55 3.94 -16.14
C ILE A 358 -3.84 4.67 -17.44
N SER A 359 -4.61 5.76 -17.36
CA SER A 359 -5.00 6.53 -18.54
C SER A 359 -5.20 7.98 -18.20
N ASN A 360 -5.24 8.82 -19.22
CA ASN A 360 -5.52 10.25 -19.05
C ASN A 360 -4.67 10.95 -18.00
N CYS A 361 -3.33 10.91 -18.13
CA CYS A 361 -2.44 11.51 -17.12
C CYS A 361 -1.11 12.00 -17.67
N VAL A 362 -0.47 12.90 -16.90
CA VAL A 362 0.80 13.40 -17.30
C VAL A 362 1.88 12.51 -16.74
N ALA A 363 2.10 11.39 -17.38
CA ALA A 363 3.05 10.44 -16.87
C ALA A 363 4.44 10.99 -16.89
N ASP A 364 5.18 10.66 -15.86
CA ASP A 364 6.57 11.02 -15.77
C ASP A 364 7.29 9.83 -15.22
N TYR A 365 8.10 9.23 -16.07
CA TYR A 365 8.75 7.98 -15.72
C TYR A 365 10.15 8.21 -15.18
N SER A 366 10.51 9.48 -15.01
CA SER A 366 11.80 9.86 -14.47
C SER A 366 11.87 9.38 -13.04
N VAL A 367 10.74 9.52 -12.34
CA VAL A 367 10.66 9.15 -10.95
C VAL A 367 10.84 7.66 -10.76
N LEU A 368 10.19 6.85 -11.56
CA LEU A 368 10.36 5.44 -11.38
C LEU A 368 11.74 5.02 -11.80
N TYR A 369 12.24 5.57 -12.89
CA TYR A 369 13.55 5.20 -13.39
C TYR A 369 14.65 5.46 -12.40
N ASN A 370 14.62 6.63 -11.78
CA ASN A 370 15.68 7.00 -10.87
C ASN A 370 15.38 6.63 -9.42
N SER A 371 14.36 5.85 -9.15
CA SER A 371 14.10 5.51 -7.77
C SER A 371 15.22 4.68 -7.18
N ALA A 372 15.61 5.02 -5.96
CA ALA A 372 16.67 4.31 -5.26
C ALA A 372 16.14 3.03 -4.66
N SER A 373 14.83 2.86 -4.72
CA SER A 373 14.18 1.71 -4.16
C SER A 373 14.19 0.52 -5.09
N PHE A 374 14.58 0.70 -6.35
CA PHE A 374 14.48 -0.43 -7.27
C PHE A 374 15.77 -1.18 -7.46
N SER A 375 15.66 -2.50 -7.57
CA SER A 375 16.87 -3.31 -7.78
C SER A 375 17.06 -3.54 -9.25
N THR A 376 15.96 -3.53 -9.98
CA THR A 376 15.99 -3.73 -11.42
C THR A 376 14.92 -2.92 -12.10
N PHE A 377 15.23 -2.49 -13.32
CA PHE A 377 14.37 -1.73 -14.21
C PHE A 377 14.75 -2.14 -15.62
N LYS A 378 14.14 -3.20 -16.13
CA LYS A 378 14.52 -3.73 -17.44
C LYS A 378 13.51 -3.43 -18.52
N CYS A 379 13.91 -2.70 -19.58
CA CYS A 379 13.05 -2.36 -20.72
C CYS A 379 13.34 -3.28 -21.89
N TYR A 380 12.26 -3.74 -22.49
CA TYR A 380 12.34 -4.60 -23.64
C TYR A 380 11.93 -3.86 -24.90
N GLY A 381 11.02 -2.92 -24.74
CA GLY A 381 10.51 -2.17 -25.87
C GLY A 381 11.09 -0.78 -25.90
N VAL A 382 10.35 0.15 -25.32
CA VAL A 382 10.76 1.54 -25.30
C VAL A 382 11.91 1.74 -24.32
N SER A 383 12.97 2.39 -24.76
CA SER A 383 14.13 2.64 -23.93
C SER A 383 13.75 3.37 -22.64
N PRO A 384 14.41 3.11 -21.50
CA PRO A 384 14.17 3.71 -20.19
C PRO A 384 14.49 5.19 -20.16
N THR A 385 15.24 5.64 -21.15
CA THR A 385 15.69 7.00 -21.25
C THR A 385 14.74 7.84 -22.09
N LYS A 386 13.70 7.22 -22.62
CA LYS A 386 12.71 7.91 -23.41
C LYS A 386 11.47 8.00 -22.54
N LEU A 387 10.41 7.29 -22.93
CA LEU A 387 9.14 7.19 -22.20
C LEU A 387 8.35 8.49 -22.04
N ASN A 388 8.95 9.53 -21.48
CA ASN A 388 8.24 10.79 -21.27
C ASN A 388 7.85 11.45 -22.57
N ASP A 389 8.60 11.15 -23.62
CA ASP A 389 8.37 11.72 -24.93
C ASP A 389 7.35 10.96 -25.75
N LEU A 390 6.79 9.89 -25.20
CA LEU A 390 5.84 9.11 -25.98
C LEU A 390 4.47 9.15 -25.34
N CYS A 391 3.40 9.31 -26.17
CA CYS A 391 2.02 9.29 -25.71
C CYS A 391 1.42 7.94 -26.03
N PHE A 392 0.94 7.27 -24.99
CA PHE A 392 0.39 5.93 -25.10
C PHE A 392 -1.08 6.02 -24.90
N THR A 393 -1.82 5.06 -25.41
CA THR A 393 -3.26 5.12 -25.20
C THR A 393 -3.63 4.68 -23.79
N ASN A 394 -2.95 3.64 -23.34
CA ASN A 394 -3.11 3.07 -22.00
C ASN A 394 -1.80 2.47 -21.55
N VAL A 395 -1.61 2.45 -20.24
CA VAL A 395 -0.48 1.77 -19.62
C VAL A 395 -1.02 0.81 -18.57
N TYR A 396 -0.55 -0.42 -18.54
CA TYR A 396 -1.10 -1.34 -17.54
C TYR A 396 -0.06 -1.82 -16.58
N ALA A 397 -0.44 -1.86 -15.31
CA ALA A 397 0.46 -2.31 -14.27
C ALA A 397 0.15 -3.68 -13.70
N ASP A 398 0.95 -4.66 -14.07
CA ASP A 398 0.74 -6.00 -13.56
C ASP A 398 1.62 -6.14 -12.35
N SER A 399 1.01 -6.19 -11.17
CA SER A 399 1.73 -6.19 -9.92
C SER A 399 1.58 -7.45 -9.07
N PHE A 400 2.71 -8.12 -8.75
CA PHE A 400 2.68 -9.34 -7.95
C PHE A 400 3.97 -9.64 -7.17
N VAL A 401 3.90 -10.53 -6.18
CA VAL A 401 5.08 -10.95 -5.43
C VAL A 401 5.68 -12.23 -5.95
N ILE A 402 6.94 -12.15 -6.29
CA ILE A 402 7.72 -13.22 -6.87
C ILE A 402 8.88 -13.50 -5.94
N ARG A 403 9.44 -14.70 -6.04
CA ARG A 403 10.62 -15.10 -5.27
C ARG A 403 11.91 -14.81 -6.04
N GLY A 404 12.95 -14.38 -5.31
CA GLY A 404 14.28 -14.03 -5.86
C GLY A 404 14.82 -14.90 -6.98
N ASP A 405 14.87 -16.20 -6.82
CA ASP A 405 15.42 -17.05 -7.86
C ASP A 405 14.70 -16.96 -9.22
N GLU A 406 13.44 -16.53 -9.22
CA GLU A 406 12.64 -16.41 -10.41
C GLU A 406 12.47 -14.98 -10.92
N VAL A 407 13.16 -14.00 -10.35
CA VAL A 407 12.92 -12.60 -10.74
C VAL A 407 13.12 -12.32 -12.23
N ARG A 408 14.12 -12.90 -12.82
CA ARG A 408 14.39 -12.69 -14.22
C ARG A 408 13.70 -13.71 -15.11
N GLN A 409 12.97 -14.64 -14.53
CA GLN A 409 12.46 -15.72 -15.33
C GLN A 409 11.12 -15.47 -15.99
N ILE A 410 10.55 -14.30 -15.77
CA ILE A 410 9.28 -13.98 -16.41
C ILE A 410 9.56 -13.41 -17.80
N ALA A 411 10.83 -13.08 -18.03
CA ALA A 411 11.37 -12.46 -19.23
C ALA A 411 11.13 -13.39 -20.43
N PRO A 412 11.32 -12.94 -21.70
CA PRO A 412 11.11 -13.73 -22.91
C PRO A 412 11.84 -15.07 -22.87
N GLY A 413 12.90 -15.19 -22.07
CA GLY A 413 13.62 -16.45 -21.92
C GLY A 413 12.79 -17.32 -20.97
N GLN A 414 11.62 -17.71 -21.44
CA GLN A 414 10.58 -18.39 -20.67
C GLN A 414 10.85 -19.87 -20.54
N THR A 415 11.95 -20.21 -19.89
CA THR A 415 12.36 -21.61 -19.77
C THR A 415 12.54 -22.14 -18.35
N GLY A 416 12.38 -21.29 -17.33
CA GLY A 416 12.69 -21.64 -15.94
C GLY A 416 11.55 -22.18 -15.07
N LYS A 417 10.41 -22.48 -15.69
CA LYS A 417 9.19 -22.95 -15.02
C LYS A 417 8.45 -21.92 -14.16
N ILE A 418 8.51 -20.64 -14.52
CA ILE A 418 7.66 -19.63 -13.89
C ILE A 418 6.81 -19.02 -14.97
N ALA A 419 7.41 -18.59 -16.07
CA ALA A 419 6.65 -17.90 -17.09
C ALA A 419 5.54 -18.79 -17.62
N ASP A 420 5.78 -20.09 -17.65
CA ASP A 420 4.83 -21.01 -18.18
C ASP A 420 3.78 -21.55 -17.22
N TYR A 421 3.80 -21.12 -15.95
CA TYR A 421 2.79 -21.61 -15.02
C TYR A 421 2.23 -20.43 -14.30
N ASN A 422 3.04 -19.40 -14.25
CA ASN A 422 2.78 -18.16 -13.55
C ASN A 422 2.85 -16.99 -14.53
N TYR A 423 3.23 -15.80 -14.08
CA TYR A 423 3.17 -14.65 -15.00
C TYR A 423 4.07 -14.81 -16.19
N LYS A 424 3.52 -14.62 -17.39
CA LYS A 424 4.28 -14.70 -18.62
C LYS A 424 4.40 -13.37 -19.31
N LEU A 425 5.63 -12.90 -19.51
CA LEU A 425 5.78 -11.64 -20.21
C LEU A 425 5.70 -11.99 -21.70
N PRO A 426 5.06 -11.20 -22.56
CA PRO A 426 5.05 -11.40 -24.00
C PRO A 426 6.46 -11.28 -24.57
N ASP A 427 6.76 -12.01 -25.63
CA ASP A 427 8.07 -11.92 -26.26
C ASP A 427 8.25 -10.62 -27.03
N ASP A 428 7.14 -9.96 -27.36
CA ASP A 428 7.15 -8.69 -28.04
C ASP A 428 6.73 -7.56 -27.11
N PHE A 429 6.91 -7.77 -25.79
CA PHE A 429 6.54 -6.78 -24.81
C PHE A 429 7.17 -5.42 -25.09
N THR A 430 6.31 -4.41 -25.09
CA THR A 430 6.66 -3.04 -25.43
C THR A 430 7.17 -2.24 -24.27
N GLY A 431 7.00 -2.80 -23.11
CA GLY A 431 7.29 -2.09 -21.90
C GLY A 431 8.59 -2.38 -21.17
N CYS A 432 8.49 -2.20 -19.81
CA CYS A 432 9.57 -2.30 -18.82
C CYS A 432 9.10 -3.08 -17.56
N VAL A 433 10.04 -3.80 -16.95
CA VAL A 433 9.79 -4.55 -15.72
C VAL A 433 10.57 -4.01 -14.53
N ILE A 434 9.85 -3.71 -13.46
CA ILE A 434 10.40 -3.16 -12.24
C ILE A 434 10.29 -4.10 -11.05
N ALA A 435 11.36 -4.27 -10.29
CA ALA A 435 11.29 -5.14 -9.11
C ALA A 435 12.28 -4.68 -8.04
N TRP A 436 12.04 -5.09 -6.79
CA TRP A 436 12.97 -4.70 -5.74
C TRP A 436 13.01 -5.64 -4.56
N ASN A 437 14.12 -5.66 -3.86
CA ASN A 437 14.19 -6.48 -2.66
C ASN A 437 13.30 -5.89 -1.61
N SER A 438 12.43 -6.70 -1.02
CA SER A 438 11.56 -6.17 0.03
C SER A 438 11.39 -7.12 1.19
N ASN A 439 12.44 -7.34 1.97
CA ASN A 439 12.33 -8.41 2.96
C ASN A 439 11.93 -7.94 4.34
N ASN A 440 11.49 -6.70 4.44
CA ASN A 440 10.96 -6.19 5.69
C ASN A 440 9.47 -6.08 5.58
N LEU A 441 8.93 -6.55 4.46
CA LEU A 441 7.52 -6.56 4.19
C LEU A 441 7.29 -7.91 3.61
N ASP A 442 6.12 -8.51 3.79
CA ASP A 442 5.93 -9.80 3.15
C ASP A 442 6.99 -10.82 3.47
N SER A 443 7.39 -10.87 4.72
CA SER A 443 8.41 -11.81 5.12
C SER A 443 8.02 -12.33 6.48
N LYS A 444 8.53 -13.49 6.85
CA LYS A 444 8.16 -14.04 8.15
C LYS A 444 9.29 -14.56 8.97
N VAL A 445 9.05 -14.64 10.27
CA VAL A 445 9.97 -15.26 11.20
C VAL A 445 10.00 -16.79 10.99
N GLY A 446 8.89 -17.34 10.53
CA GLY A 446 8.79 -18.76 10.24
C GLY A 446 7.35 -19.12 9.84
N GLY A 447 7.16 -20.37 9.40
CA GLY A 447 5.84 -20.85 8.98
C GLY A 447 5.61 -20.55 7.50
N ASN A 448 4.39 -20.76 7.02
CA ASN A 448 4.07 -20.51 5.61
C ASN A 448 3.60 -19.09 5.46
N TYR A 449 3.30 -18.66 4.25
CA TYR A 449 2.83 -17.30 4.12
C TYR A 449 1.75 -17.20 3.04
N ASN A 450 1.58 -16.05 2.42
CA ASN A 450 0.49 -15.79 1.51
C ASN A 450 0.79 -16.01 0.04
N TYR A 451 1.99 -16.47 -0.29
CA TYR A 451 2.30 -16.59 -1.70
C TYR A 451 2.64 -18.01 -2.10
N LEU A 452 1.90 -18.51 -3.07
CA LEU A 452 2.04 -19.87 -3.55
C LEU A 452 2.55 -19.86 -4.98
N TYR A 453 2.42 -20.95 -5.73
CA TYR A 453 3.00 -20.96 -7.06
C TYR A 453 2.22 -21.90 -7.95
N ARG A 454 2.59 -22.04 -9.22
CA ARG A 454 1.92 -23.00 -10.08
C ARG A 454 2.96 -23.97 -10.64
N LEU A 455 2.70 -25.26 -10.52
CA LEU A 455 3.64 -26.29 -10.96
C LEU A 455 3.43 -26.88 -12.34
N PHE A 456 2.22 -26.78 -12.85
CA PHE A 456 1.87 -27.34 -14.14
C PHE A 456 0.75 -26.53 -14.73
N ARG A 457 0.57 -26.61 -16.04
CA ARG A 457 -0.52 -25.94 -16.72
C ARG A 457 -0.93 -26.81 -17.87
N LYS A 458 0.07 -27.51 -18.38
CA LYS A 458 -0.03 -28.32 -19.59
C LYS A 458 -0.44 -27.53 -20.84
N SER A 459 0.04 -26.29 -20.98
CA SER A 459 -0.22 -25.47 -22.16
C SER A 459 0.90 -24.46 -22.22
N ASN A 460 1.49 -24.30 -21.04
CA ASN A 460 2.57 -23.38 -20.74
C ASN A 460 2.20 -21.90 -20.89
N LEU A 461 0.90 -21.62 -20.83
CA LEU A 461 0.24 -20.30 -20.80
C LEU A 461 0.37 -19.38 -22.01
N LYS A 462 -0.57 -18.43 -22.08
CA LYS A 462 -0.51 -17.36 -23.06
C LYS A 462 0.02 -16.12 -22.34
N PRO A 463 0.61 -15.13 -23.03
CA PRO A 463 1.09 -13.92 -22.41
C PRO A 463 -0.03 -13.26 -21.65
N PHE A 464 0.28 -12.79 -20.45
CA PHE A 464 -0.66 -12.15 -19.53
C PHE A 464 -1.81 -13.03 -19.04
N GLU A 465 -1.75 -14.34 -19.22
CA GLU A 465 -2.81 -15.21 -18.72
C GLU A 465 -2.79 -15.34 -17.20
N ARG A 466 -3.96 -15.29 -16.56
CA ARG A 466 -4.05 -15.48 -15.11
C ARG A 466 -4.70 -16.80 -14.78
N ASP A 467 -3.89 -17.82 -14.56
CA ASP A 467 -4.43 -19.13 -14.27
C ASP A 467 -4.58 -19.31 -12.78
N ILE A 468 -5.81 -19.25 -12.31
CA ILE A 468 -6.06 -19.29 -10.89
C ILE A 468 -6.87 -20.51 -10.54
N SER A 469 -6.88 -21.50 -11.45
CA SER A 469 -7.67 -22.70 -11.19
C SER A 469 -6.93 -23.73 -10.36
N THR A 470 -7.42 -23.93 -9.15
CA THR A 470 -6.77 -24.84 -8.25
C THR A 470 -7.64 -26.03 -8.02
N GLU A 471 -7.15 -27.18 -8.44
CA GLU A 471 -7.88 -28.43 -8.38
C GLU A 471 -6.86 -29.57 -8.36
N ILE A 472 -7.27 -30.73 -7.88
CA ILE A 472 -6.40 -31.89 -7.97
C ILE A 472 -6.37 -32.23 -9.45
N TYR A 473 -5.18 -32.40 -9.99
CA TYR A 473 -5.05 -32.63 -11.42
C TYR A 473 -3.98 -33.63 -11.68
N GLN A 474 -4.20 -34.53 -12.63
CA GLN A 474 -3.20 -35.56 -12.86
C GLN A 474 -2.02 -35.09 -13.68
N ALA A 475 -1.27 -34.15 -13.11
CA ALA A 475 -0.11 -33.53 -13.69
C ALA A 475 0.96 -34.57 -13.92
N GLY A 476 0.99 -35.53 -13.01
CA GLY A 476 1.94 -36.62 -13.03
C GLY A 476 1.39 -37.86 -13.75
N SER A 477 0.21 -37.75 -14.38
CA SER A 477 -0.42 -38.88 -15.05
C SER A 477 -0.54 -40.07 -14.11
N THR A 478 -0.94 -39.77 -12.90
CA THR A 478 -1.14 -40.71 -11.84
C THR A 478 -2.62 -40.61 -11.61
N PRO A 479 -3.36 -41.71 -11.40
CA PRO A 479 -4.82 -41.73 -11.38
C PRO A 479 -5.54 -41.12 -10.17
N CYS A 480 -5.33 -39.79 -9.99
CA CYS A 480 -5.96 -38.96 -8.97
C CYS A 480 -7.32 -38.56 -9.49
N ASN A 481 -8.21 -39.51 -9.46
CA ASN A 481 -9.49 -39.33 -10.07
C ASN A 481 -10.37 -38.54 -9.12
N GLY A 482 -10.13 -37.23 -9.09
CA GLY A 482 -10.79 -36.30 -8.21
C GLY A 482 -10.08 -36.23 -6.88
N VAL A 483 -9.98 -37.37 -6.24
CA VAL A 483 -9.28 -37.48 -4.98
C VAL A 483 -7.83 -37.88 -5.19
N GLU A 484 -6.88 -37.10 -4.62
CA GLU A 484 -5.42 -37.27 -4.68
C GLU A 484 -4.97 -38.76 -4.56
N PHE A 486 1.74 -39.38 -4.40
CA PHE A 486 1.15 -38.73 -5.57
C PHE A 486 1.79 -37.36 -5.80
N ASN A 487 1.86 -36.95 -7.07
CA ASN A 487 2.37 -35.66 -7.58
C ASN A 487 1.31 -34.83 -8.39
N CYS A 488 0.02 -34.95 -7.98
CA CYS A 488 -1.19 -34.33 -8.54
C CYS A 488 -1.81 -33.24 -7.62
N TYR A 489 -1.16 -32.97 -6.50
CA TYR A 489 -1.78 -32.09 -5.52
C TYR A 489 -1.62 -30.61 -5.88
N PHE A 490 -2.19 -29.76 -5.04
CA PHE A 490 -2.19 -28.34 -5.22
C PHE A 490 -0.78 -27.79 -5.08
N PRO A 491 -0.39 -26.79 -5.87
CA PRO A 491 0.92 -26.19 -5.87
C PRO A 491 1.11 -25.20 -4.71
N LEU A 492 1.03 -25.74 -3.50
CA LEU A 492 1.08 -24.90 -2.31
C LEU A 492 2.53 -24.70 -1.91
N GLN A 493 3.22 -23.94 -2.74
CA GLN A 493 4.65 -23.76 -2.63
C GLN A 493 5.23 -22.86 -1.53
N SER A 494 4.49 -21.91 -0.99
CA SER A 494 5.05 -21.06 0.06
C SER A 494 6.37 -20.37 -0.31
N TYR A 495 6.32 -19.48 -1.29
CA TYR A 495 7.51 -18.79 -1.80
C TYR A 495 7.66 -17.30 -1.46
N GLY A 496 8.91 -16.86 -1.38
CA GLY A 496 9.23 -15.44 -1.27
C GLY A 496 9.09 -14.82 0.11
N PHE A 497 9.40 -15.55 1.17
CA PHE A 497 9.22 -15.02 2.50
C PHE A 497 10.00 -15.85 3.49
N GLN A 498 10.18 -17.12 3.19
CA GLN A 498 10.89 -18.02 4.09
C GLN A 498 11.99 -17.28 4.82
N PRO A 499 11.87 -17.16 6.15
CA PRO A 499 12.85 -16.44 6.95
C PRO A 499 14.29 -16.68 6.52
N THR A 500 14.83 -15.82 5.68
CA THR A 500 16.19 -15.97 5.20
C THR A 500 16.85 -14.63 4.94
N VAL A 503 18.61 -15.80 -1.14
CA VAL A 503 17.73 -15.78 -2.30
C VAL A 503 17.00 -17.11 -2.41
N GLY A 504 15.79 -17.09 -2.95
CA GLY A 504 15.01 -18.32 -3.02
C GLY A 504 14.00 -18.27 -1.90
N TYR A 505 13.87 -17.12 -1.25
CA TYR A 505 12.90 -16.95 -0.18
C TYR A 505 12.68 -15.47 0.04
N GLN A 506 13.20 -14.65 -0.85
CA GLN A 506 13.06 -13.22 -0.73
C GLN A 506 11.94 -12.75 -1.65
N PRO A 507 11.07 -11.87 -1.18
CA PRO A 507 10.02 -11.31 -2.00
C PRO A 507 10.55 -10.15 -2.82
N TYR A 508 10.07 -10.00 -4.08
CA TYR A 508 10.45 -8.86 -4.91
C TYR A 508 9.41 -7.87 -5.47
N ARG A 509 8.12 -8.06 -5.19
CA ARG A 509 7.10 -7.09 -5.66
C ARG A 509 7.30 -6.58 -7.10
N VAL A 510 7.05 -7.43 -8.06
CA VAL A 510 7.29 -7.10 -9.45
C VAL A 510 6.16 -6.32 -10.05
N VAL A 511 6.49 -5.24 -10.72
CA VAL A 511 5.50 -4.46 -11.42
C VAL A 511 5.88 -4.40 -12.89
N VAL A 512 5.00 -4.85 -13.73
CA VAL A 512 5.28 -4.84 -15.15
C VAL A 512 4.45 -3.77 -15.82
N LEU A 513 5.10 -2.85 -16.53
CA LEU A 513 4.33 -1.84 -17.21
C LEU A 513 4.24 -2.11 -18.68
N SER A 514 3.04 -2.45 -19.12
CA SER A 514 2.74 -2.76 -20.51
C SER A 514 2.23 -1.53 -21.21
N PHE A 515 2.75 -1.22 -22.39
CA PHE A 515 2.33 0.00 -23.07
C PHE A 515 1.63 -0.23 -24.40
N GLU A 516 0.56 0.55 -24.64
CA GLU A 516 -0.18 0.53 -25.91
C GLU A 516 0.32 1.60 -26.90
N LEU A 517 1.00 1.11 -27.94
CA LEU A 517 1.70 1.95 -28.90
C LEU A 517 0.86 2.54 -30.02
N LEU A 518 0.06 3.53 -29.63
CA LEU A 518 -0.81 4.33 -30.50
C LEU A 518 -1.87 3.57 -31.29
N HIS A 519 -2.77 2.89 -30.60
CA HIS A 519 -3.80 2.12 -31.30
C HIS A 519 -5.16 2.83 -31.23
N ALA A 520 -5.12 4.05 -30.74
CA ALA A 520 -6.26 4.93 -30.49
C ALA A 520 -5.65 6.30 -30.19
N PRO A 521 -6.40 7.40 -30.09
CA PRO A 521 -5.83 8.65 -29.64
C PRO A 521 -5.18 8.39 -28.30
N ALA A 522 -3.96 8.87 -28.14
CA ALA A 522 -3.17 8.65 -26.93
C ALA A 522 -3.65 9.45 -25.73
N THR A 523 -3.46 8.91 -24.51
CA THR A 523 -3.84 9.63 -23.31
C THR A 523 -2.74 9.73 -22.22
N VAL A 524 -1.62 9.01 -22.34
CA VAL A 524 -0.61 9.02 -21.26
C VAL A 524 0.77 9.54 -21.73
N CYS A 525 1.26 10.71 -21.19
CA CYS A 525 2.58 11.35 -21.57
C CYS A 525 3.08 12.52 -20.71
N GLY A 526 4.35 12.90 -20.91
CA GLY A 526 4.96 13.95 -20.10
C GLY A 526 4.52 15.39 -20.38
N PRO A 527 5.06 16.34 -19.60
CA PRO A 527 4.73 17.75 -19.53
C PRO A 527 5.31 18.63 -20.63
N LYS A 528 4.92 18.39 -21.86
CA LYS A 528 5.43 19.20 -22.95
C LYS A 528 4.36 19.86 -23.78
N LYS A 529 4.69 21.00 -24.36
CA LYS A 529 3.82 21.75 -25.28
C LYS A 529 4.58 22.93 -25.87
N SER A 530 4.41 23.20 -27.17
CA SER A 530 4.96 24.40 -27.81
C SER A 530 4.56 24.54 -29.27
N THR A 531 3.42 25.18 -29.52
CA THR A 531 3.01 25.37 -30.91
C THR A 531 1.95 26.42 -31.13
N ASN A 532 1.91 26.95 -32.35
CA ASN A 532 0.87 27.85 -32.78
C ASN A 532 0.08 27.24 -33.93
N LEU A 533 0.42 26.01 -34.27
CA LEU A 533 -0.19 25.25 -35.33
C LEU A 533 -0.27 26.03 -36.65
N VAL A 534 0.81 26.73 -37.03
CA VAL A 534 0.74 27.54 -38.25
C VAL A 534 0.44 26.78 -39.55
N LYS A 535 0.99 25.57 -39.71
CA LYS A 535 0.82 24.70 -40.89
C LYS A 535 1.25 25.30 -42.24
N ASN A 536 1.93 26.43 -42.24
CA ASN A 536 2.35 27.08 -43.48
C ASN A 536 3.82 27.47 -43.49
N LYS A 537 4.62 26.69 -42.80
CA LYS A 537 6.06 26.89 -42.72
C LYS A 537 6.77 25.57 -42.81
N CYS A 538 8.05 25.58 -43.17
CA CYS A 538 8.77 24.32 -43.12
C CYS A 538 9.16 24.16 -41.65
N VAL A 539 8.53 23.19 -41.03
CA VAL A 539 8.70 22.96 -39.62
C VAL A 539 8.95 21.49 -39.29
N ASN A 540 9.50 21.24 -38.09
CA ASN A 540 9.73 19.92 -37.51
C ASN A 540 8.43 19.51 -36.77
N GLN B 1 -0.90 12.51 -1.11
CA GLN B 1 -1.14 11.14 -1.54
C GLN B 1 -2.18 10.52 -0.60
N VAL B 2 -3.21 9.85 -1.21
CA VAL B 2 -4.38 9.17 -0.62
C VAL B 2 -4.97 9.79 0.65
N GLN B 3 -5.20 11.09 0.56
CA GLN B 3 -5.76 11.89 1.63
C GLN B 3 -7.23 11.56 1.82
N LEU B 4 -7.66 11.46 3.07
CA LEU B 4 -9.05 11.13 3.36
C LEU B 4 -9.84 12.37 3.73
N VAL B 5 -11.05 12.46 3.21
CA VAL B 5 -11.91 13.58 3.44
C VAL B 5 -13.14 13.26 4.28
N GLN B 6 -13.36 14.06 5.33
CA GLN B 6 -14.48 13.89 6.24
C GLN B 6 -15.52 14.98 6.00
N SER B 7 -16.61 14.92 6.77
CA SER B 7 -17.68 15.92 6.70
C SER B 7 -17.68 16.77 7.97
N GLY B 8 -18.76 17.50 8.18
CA GLY B 8 -18.86 18.38 9.35
C GLY B 8 -19.29 17.55 10.54
N SER B 9 -19.47 18.19 11.70
CA SER B 9 -19.87 17.42 12.86
C SER B 9 -21.37 17.18 12.90
N GLU B 10 -21.78 16.10 13.58
CA GLU B 10 -23.20 15.79 13.75
C GLU B 10 -23.68 15.96 15.19
N LEU B 11 -24.54 16.96 15.42
CA LEU B 11 -25.08 17.27 16.75
C LEU B 11 -26.50 16.79 17.00
N LYS B 12 -26.67 15.88 17.96
CA LYS B 12 -28.01 15.37 18.29
C LYS B 12 -28.26 15.13 19.77
N LYS B 13 -29.39 15.61 20.28
CA LYS B 13 -29.79 15.29 21.64
C LYS B 13 -30.44 13.89 21.82
N PRO B 14 -31.40 13.46 20.97
CA PRO B 14 -32.11 12.21 21.11
C PRO B 14 -31.20 11.07 20.73
N GLY B 15 -31.51 9.87 21.21
CA GLY B 15 -30.77 8.67 20.84
C GLY B 15 -31.14 8.14 19.46
N ALA B 16 -30.99 9.01 18.48
CA ALA B 16 -31.27 8.75 17.10
C ALA B 16 -30.02 8.19 16.46
N SER B 17 -30.17 7.47 15.37
CA SER B 17 -29.01 6.98 14.66
C SER B 17 -28.28 8.11 13.95
N VAL B 18 -26.97 7.91 13.69
CA VAL B 18 -26.17 8.86 12.92
C VAL B 18 -25.32 8.18 11.87
N THR B 19 -25.01 8.92 10.81
CA THR B 19 -24.18 8.44 9.72
C THR B 19 -23.05 9.44 9.49
N VAL B 20 -21.86 8.94 9.22
CA VAL B 20 -20.72 9.81 8.96
C VAL B 20 -20.19 9.41 7.61
N SER B 21 -19.24 10.14 7.06
CA SER B 21 -18.73 9.73 5.74
C SER B 21 -17.22 9.96 5.62
N CYS B 22 -16.60 9.21 4.67
CA CYS B 22 -15.19 9.30 4.30
C CYS B 22 -15.05 9.13 2.78
N LYS B 23 -14.30 10.04 2.17
CA LYS B 23 -14.02 10.04 0.72
C LYS B 23 -12.52 10.12 0.41
N ALA B 24 -12.11 9.53 -0.71
CA ALA B 24 -10.70 9.56 -1.10
C ALA B 24 -10.53 9.34 -2.61
N SER B 25 -9.37 9.64 -3.16
CA SER B 25 -9.11 9.31 -4.56
C SER B 25 -8.71 7.83 -4.76
N GLY B 26 -8.75 7.33 -6.02
CA GLY B 26 -8.31 5.95 -6.28
C GLY B 26 -8.88 5.26 -7.55
N TYR B 27 -8.59 3.95 -7.63
CA TYR B 27 -8.93 2.99 -8.69
C TYR B 27 -9.66 1.84 -8.05
N SER B 28 -10.42 1.04 -8.82
CA SER B 28 -11.09 -0.12 -8.25
C SER B 28 -10.13 -1.25 -7.89
N PHE B 29 -10.56 -2.13 -6.98
CA PHE B 29 -9.78 -3.27 -6.52
C PHE B 29 -10.60 -4.27 -5.67
N PRO B 30 -10.15 -5.53 -5.54
CA PRO B 30 -10.66 -6.53 -4.61
C PRO B 30 -10.25 -6.33 -3.14
N THR B 31 -9.23 -5.50 -2.90
CA THR B 31 -8.73 -5.29 -1.55
C THR B 31 -9.64 -4.41 -0.72
N HIS B 32 -9.99 -4.85 0.46
CA HIS B 32 -10.82 -4.02 1.29
C HIS B 32 -10.27 -3.94 2.69
N ALA B 33 -9.37 -2.97 2.95
CA ALA B 33 -8.74 -2.89 4.25
C ALA B 33 -8.75 -1.46 4.81
N MET B 34 -9.90 -0.80 4.73
CA MET B 34 -10.10 0.51 5.34
C MET B 34 -10.74 0.33 6.70
N ASN B 35 -10.49 1.25 7.62
CA ASN B 35 -11.04 1.12 8.95
C ASN B 35 -11.44 2.38 9.73
N TRP B 36 -11.97 2.16 10.95
CA TRP B 36 -12.43 3.28 11.78
C TRP B 36 -12.04 3.22 13.27
N VAL B 37 -11.78 4.42 13.84
CA VAL B 37 -11.55 4.63 15.29
C VAL B 37 -12.35 5.73 15.87
N ARG B 38 -12.37 5.72 17.18
CA ARG B 38 -12.96 6.79 17.89
C ARG B 38 -11.98 7.44 18.81
N GLN B 39 -12.16 8.73 19.08
CA GLN B 39 -11.36 9.29 20.14
C GLN B 39 -12.22 9.12 21.36
N ALA B 40 -11.85 8.18 22.19
CA ALA B 40 -12.72 7.91 23.30
C ALA B 40 -12.59 9.12 24.26
N PRO B 41 -13.62 9.47 25.04
CA PRO B 41 -13.66 10.63 25.89
C PRO B 41 -12.46 10.92 26.80
N GLY B 42 -11.80 9.91 27.34
CA GLY B 42 -10.66 10.18 28.22
C GLY B 42 -9.56 9.16 28.00
N GLN B 43 -9.53 8.64 26.79
CA GLN B 43 -8.62 7.58 26.40
C GLN B 43 -8.00 7.95 25.07
N GLY B 44 -7.14 7.09 24.54
CA GLY B 44 -6.54 7.37 23.26
C GLY B 44 -7.50 6.91 22.18
N LEU B 45 -6.98 6.68 20.99
CA LEU B 45 -7.83 6.25 19.92
C LEU B 45 -8.20 4.80 20.16
N GLU B 46 -9.43 4.42 19.83
CA GLU B 46 -9.85 3.03 19.96
C GLU B 46 -10.49 2.55 18.66
N TRP B 47 -10.15 1.34 18.22
CA TRP B 47 -10.70 0.82 16.97
C TRP B 47 -12.01 0.10 17.14
N MET B 48 -12.95 0.37 16.22
CA MET B 48 -14.22 -0.33 16.25
C MET B 48 -14.18 -1.51 15.31
N GLY B 49 -13.45 -1.37 14.23
CA GLY B 49 -13.44 -2.44 13.24
C GLY B 49 -12.66 -2.05 12.03
N TRP B 50 -12.54 -2.97 11.08
CA TRP B 50 -11.73 -2.74 9.92
C TRP B 50 -12.45 -3.40 8.79
N ILE B 51 -12.12 -4.64 8.53
CA ILE B 51 -12.91 -5.39 7.62
C ILE B 51 -14.20 -5.46 8.43
N PRO B 52 -15.35 -5.91 7.90
CA PRO B 52 -16.63 -5.88 8.61
C PRO B 52 -16.78 -6.88 9.74
N THR B 53 -15.96 -6.70 10.76
CA THR B 53 -15.90 -7.46 11.98
C THR B 53 -15.91 -6.48 13.11
N TYR B 54 -16.05 -6.94 14.32
CA TYR B 54 -16.07 -5.99 15.41
C TYR B 54 -15.01 -6.28 16.44
N ALA B 55 -14.50 -5.24 17.05
CA ALA B 55 -13.61 -5.40 18.18
C ALA B 55 -14.51 -5.76 19.36
N GLY B 56 -13.97 -5.89 20.57
CA GLY B 56 -14.75 -6.38 21.71
C GLY B 56 -15.84 -5.44 22.26
N PHE B 57 -16.89 -5.23 21.47
CA PHE B 57 -18.06 -4.42 21.82
C PHE B 57 -19.31 -4.90 21.07
N THR B 58 -20.48 -4.46 21.53
CA THR B 58 -21.76 -4.80 20.88
C THR B 58 -21.85 -4.23 19.46
N GLY B 59 -22.26 -5.07 18.52
CA GLY B 59 -22.37 -4.70 17.11
C GLY B 59 -23.56 -3.79 16.76
N ARG B 60 -23.54 -2.59 17.32
CA ARG B 60 -24.52 -1.52 17.10
C ARG B 60 -24.02 -0.56 16.04
N PHE B 61 -22.87 -0.93 15.47
CA PHE B 61 -22.14 -0.22 14.44
C PHE B 61 -22.27 -0.92 13.08
N VAL B 62 -22.27 -0.11 12.04
CA VAL B 62 -22.45 -0.53 10.67
C VAL B 62 -21.28 -0.26 9.74
N PHE B 63 -20.83 -1.35 9.12
CA PHE B 63 -19.74 -1.30 8.18
C PHE B 63 -20.21 -1.03 6.79
N SER B 64 -20.65 0.19 6.56
CA SER B 64 -21.09 0.49 5.22
C SER B 64 -19.81 0.84 4.47
N LEU B 65 -19.38 -0.11 3.64
CA LEU B 65 -18.11 -0.12 2.89
C LEU B 65 -18.34 -0.55 1.43
N ASP B 66 -17.47 -0.11 0.51
CA ASP B 66 -17.53 -0.51 -0.91
C ASP B 66 -16.12 -0.56 -1.54
N THR B 67 -16.04 -0.91 -2.82
CA THR B 67 -14.76 -0.95 -3.56
C THR B 67 -14.36 0.42 -4.03
N SER B 68 -13.20 0.48 -4.67
CA SER B 68 -12.64 1.74 -5.14
C SER B 68 -12.63 2.73 -4.03
N VAL B 69 -13.17 3.88 -4.30
CA VAL B 69 -13.25 4.83 -3.24
C VAL B 69 -14.39 4.39 -2.41
N SER B 70 -14.05 3.64 -1.38
CA SER B 70 -15.07 3.04 -0.59
C SER B 70 -15.97 4.09 -0.11
N THR B 71 -17.25 3.89 -0.30
CA THR B 71 -18.22 4.83 0.16
C THR B 71 -18.43 4.47 1.60
N ALA B 72 -17.42 4.76 2.39
CA ALA B 72 -17.37 4.41 3.76
C ALA B 72 -18.21 5.37 4.60
N TYR B 73 -19.01 4.83 5.57
CA TYR B 73 -19.85 5.64 6.47
C TYR B 73 -19.73 5.22 7.93
N GLN B 75 -21.11 3.82 11.02
CA GLN B 75 -22.50 4.27 11.16
C GLN B 75 -23.14 3.55 12.37
N ILE B 76 -23.90 4.29 13.23
CA ILE B 76 -24.54 3.72 14.45
C ILE B 76 -26.01 3.95 14.59
N SER B 77 -26.64 2.97 15.20
CA SER B 77 -28.08 2.98 15.41
C SER B 77 -28.69 3.88 16.49
N SER B 78 -27.91 4.29 17.51
CA SER B 78 -28.55 5.06 18.59
C SER B 78 -27.80 6.27 19.12
N LEU B 79 -26.48 6.23 19.12
CA LEU B 79 -25.66 7.30 19.69
C LEU B 79 -26.05 7.60 21.15
N LYS B 80 -26.33 6.57 21.93
CA LYS B 80 -26.68 6.78 23.33
C LYS B 80 -25.46 6.83 24.25
N ALA B 81 -24.27 6.64 23.68
CA ALA B 81 -23.04 6.68 24.45
C ALA B 81 -21.88 7.09 23.57
N ASP B 82 -20.87 7.70 24.20
CA ASP B 82 -19.60 8.07 23.58
C ASP B 82 -19.72 8.86 22.28
N ASP B 83 -19.95 10.17 22.40
CA ASP B 83 -20.10 11.05 21.25
C ASP B 83 -18.88 11.90 20.94
N THR B 84 -17.77 11.67 21.58
CA THR B 84 -16.61 12.55 21.44
C THR B 84 -15.80 12.44 20.17
N ALA B 85 -16.36 12.86 19.03
CA ALA B 85 -15.66 12.72 17.75
C ALA B 85 -15.20 11.28 17.58
N VAL B 86 -16.15 10.39 17.37
CA VAL B 86 -15.85 8.99 17.42
C VAL B 86 -15.77 8.25 16.09
N TYR B 87 -15.57 8.98 14.99
CA TYR B 87 -15.39 8.36 13.67
C TYR B 87 -14.24 8.87 12.78
N TYR B 88 -13.04 8.44 13.06
CA TYR B 88 -11.85 8.79 12.28
C TYR B 88 -11.71 7.70 11.24
N CYS B 89 -11.32 8.05 10.02
CA CYS B 89 -11.17 7.15 8.87
C CYS B 89 -9.70 6.85 8.61
N ALA B 90 -9.38 5.61 8.30
CA ALA B 90 -8.00 5.32 7.94
C ALA B 90 -7.97 4.33 6.78
N ARG B 91 -6.93 4.43 5.97
CA ARG B 91 -6.80 3.61 4.78
C ARG B 91 -5.54 2.83 4.71
N GLY B 92 -5.55 1.57 5.10
CA GLY B 92 -4.29 0.83 5.15
C GLY B 92 -3.91 0.23 3.80
N HIS B 93 -3.98 1.04 2.75
CA HIS B 93 -3.66 0.61 1.41
C HIS B 93 -2.39 1.26 0.94
N VAL B 94 -2.32 2.56 1.12
CA VAL B 94 -1.16 3.32 0.72
C VAL B 94 -0.76 4.25 1.87
N LEU B 95 0.51 4.21 2.27
CA LEU B 95 1.11 5.04 3.34
C LEU B 95 0.43 4.97 4.70
N GLU B 96 -0.44 4.01 4.94
CA GLU B 96 -1.11 3.92 6.22
C GLU B 96 -1.73 5.29 6.60
N TRP B 97 -2.33 6.00 5.65
CA TRP B 97 -2.87 7.33 5.99
C TRP B 97 -4.04 7.28 6.97
N PHE B 98 -4.03 8.21 7.94
CA PHE B 98 -5.07 8.31 8.97
C PHE B 98 -5.67 9.71 9.09
N GLN B 99 -7.00 9.86 9.13
CA GLN B 99 -7.52 11.21 9.30
C GLN B 99 -8.97 11.33 9.88
N GLY B 100 -9.18 12.34 10.77
CA GLY B 100 -10.47 12.70 11.33
C GLY B 100 -10.32 13.81 12.37
N LEU B 102 -16.39 15.87 15.29
CA LEU B 102 -16.99 15.01 14.27
C LEU B 102 -18.42 14.57 14.69
N VAL B 103 -18.62 14.26 15.99
CA VAL B 103 -19.85 13.77 16.61
C VAL B 103 -20.04 14.51 17.92
N THR B 104 -21.28 14.87 18.25
CA THR B 104 -21.54 15.45 19.57
C THR B 104 -23.02 15.39 20.05
N VAL B 105 -23.20 15.32 21.37
CA VAL B 105 -24.50 15.46 22.03
C VAL B 105 -24.42 16.65 22.99
N SER B 106 -25.06 17.76 22.64
CA SER B 106 -24.92 18.99 23.41
C SER B 106 -26.06 20.00 23.14
N SER B 107 -25.92 21.22 23.74
CA SER B 107 -26.84 22.40 23.68
C SER B 107 -28.19 22.15 24.39
N VAL C 2 3.05 -5.38 29.17
CA VAL C 2 1.94 -6.33 29.25
C VAL C 2 0.66 -5.77 28.59
N VAL C 3 0.32 -4.50 28.92
CA VAL C 3 -0.90 -3.80 28.49
C VAL C 3 -0.65 -2.60 27.62
N MET C 4 0.48 -2.51 26.94
CA MET C 4 0.76 -1.37 26.06
C MET C 4 0.75 -0.08 26.85
N THR C 5 1.45 -0.12 27.97
CA THR C 5 1.59 1.02 28.87
C THR C 5 2.88 1.71 28.59
N GLN C 6 2.92 3.02 28.81
CA GLN C 6 4.12 3.77 28.46
C GLN C 6 4.61 4.75 29.49
N SER C 7 5.90 5.06 29.36
CA SER C 7 6.58 6.01 30.20
C SER C 7 5.93 7.39 30.15
N PRO C 8 5.59 8.01 31.29
CA PRO C 8 4.94 9.30 31.42
C PRO C 8 5.88 10.46 31.22
N LEU C 9 6.46 10.55 30.05
CA LEU C 9 7.32 11.66 29.76
C LEU C 9 6.38 12.85 29.63
N SER C 10 6.73 14.00 30.19
CA SER C 10 5.87 15.17 30.04
C SER C 10 6.63 16.30 29.38
N LEU C 11 7.30 17.12 30.22
CA LEU C 11 8.10 18.28 29.81
C LEU C 11 9.61 18.13 29.91
N SER C 12 10.15 16.97 30.32
CA SER C 12 11.60 16.91 30.56
C SER C 12 12.46 16.70 29.31
N VAL C 13 12.33 17.62 28.36
CA VAL C 13 13.11 17.67 27.14
C VAL C 13 13.51 19.14 26.89
N THR C 14 14.78 19.41 26.64
CA THR C 14 15.16 20.79 26.33
C THR C 14 14.77 21.00 24.88
N PRO C 15 14.35 22.19 24.42
CA PRO C 15 14.03 22.50 23.03
C PRO C 15 15.07 22.08 21.99
N GLY C 16 16.34 21.94 22.37
CA GLY C 16 17.38 21.53 21.43
C GLY C 16 17.84 20.06 21.62
N GLN C 17 17.14 19.28 22.44
CA GLN C 17 17.54 17.91 22.77
C GLN C 17 16.72 16.74 22.20
N PRO C 18 17.35 15.53 22.14
CA PRO C 18 16.78 14.20 21.91
C PRO C 18 15.88 13.82 23.07
N ALA C 19 15.01 12.85 22.82
CA ALA C 19 14.10 12.33 23.84
C ALA C 19 13.75 10.89 23.54
N SER C 20 13.27 10.13 24.51
CA SER C 20 12.84 8.79 24.17
C SER C 20 11.65 8.37 25.00
N ILE C 21 10.82 7.54 24.38
CA ILE C 21 9.63 7.00 25.03
C ILE C 21 9.54 5.51 24.88
N SER C 22 9.35 4.82 25.98
CA SER C 22 9.22 3.38 25.95
C SER C 22 7.81 2.94 26.34
N CYS C 23 7.38 1.73 25.88
CA CYS C 23 6.13 1.12 26.29
C CYS C 23 6.26 -0.39 26.40
N LYS C 24 5.35 -1.00 27.14
CA LYS C 24 5.42 -2.44 27.35
C LYS C 24 4.20 -3.24 26.94
N SER C 25 4.50 -4.28 26.15
CA SER C 25 3.61 -5.28 25.60
C SER C 25 3.82 -6.59 26.36
N SER C 26 3.03 -7.65 26.07
CA SER C 26 3.25 -8.94 26.72
C SER C 26 4.10 -9.86 25.83
N GLN C 27 4.10 -9.58 24.53
CA GLN C 27 4.86 -10.36 23.55
C GLN C 27 5.36 -9.48 22.38
N THR C 28 6.13 -10.07 21.46
CA THR C 28 6.75 -9.26 20.41
C THR C 28 6.51 -9.54 18.91
N LEU C 29 5.97 -10.69 18.50
CA LEU C 29 5.95 -11.03 17.06
C LEU C 29 4.62 -11.02 16.29
N LEU C 30 3.67 -10.21 16.66
CA LEU C 30 2.37 -10.23 16.00
C LEU C 30 1.95 -8.92 15.32
N HIS C 31 1.00 -9.03 14.35
CA HIS C 31 0.34 -7.90 13.65
C HIS C 31 -1.09 -8.24 13.27
N SER C 32 -1.79 -7.27 12.68
CA SER C 32 -3.20 -7.41 12.29
C SER C 32 -3.38 -8.26 11.05
N ASP C 33 -2.37 -8.30 10.19
CA ASP C 33 -2.41 -9.06 8.95
C ASP C 33 -1.77 -10.45 9.14
N GLY C 34 -1.34 -10.79 10.37
CA GLY C 34 -0.69 -12.07 10.67
C GLY C 34 0.86 -12.09 10.62
N GLN C 35 1.45 -10.95 10.32
CA GLN C 35 2.89 -10.74 10.20
C GLN C 35 3.38 -10.03 11.42
N THR C 36 4.66 -9.74 11.51
CA THR C 36 5.15 -9.03 12.67
C THR C 36 5.01 -7.52 12.46
N SER C 37 4.60 -6.77 13.50
CA SER C 37 4.58 -5.30 13.38
C SER C 37 4.55 -4.60 14.72
N PHE C 38 4.86 -3.32 14.68
CA PHE C 38 4.66 -2.41 15.79
C PHE C 38 4.39 -1.04 15.21
N TYR C 39 3.39 -0.36 15.70
CA TYR C 39 3.09 0.94 15.13
C TYR C 39 3.17 2.13 16.07
N TRP C 40 3.51 3.28 15.49
CA TRP C 40 3.49 4.54 16.24
C TRP C 40 2.67 5.66 15.59
N TYR C 41 2.01 6.47 16.42
CA TYR C 41 1.30 7.70 16.01
C TYR C 41 1.77 8.92 16.79
N LEU C 42 1.80 10.09 16.15
CA LEU C 42 2.15 11.33 16.87
C LEU C 42 1.44 12.67 16.54
N GLN C 43 0.77 13.29 17.57
CA GLN C 43 0.17 14.66 17.52
C GLN C 43 0.01 15.35 18.87
N LYS C 44 0.17 16.68 18.92
CA LYS C 44 -0.20 17.46 20.13
C LYS C 44 -1.70 17.89 20.17
N PRO C 45 -2.22 18.68 19.17
CA PRO C 45 -3.56 19.23 19.12
C PRO C 45 -4.51 18.16 18.68
N GLY C 46 -5.81 18.47 18.69
CA GLY C 46 -6.83 17.53 18.21
C GLY C 46 -6.86 17.44 16.67
N GLN C 47 -5.74 17.02 16.12
CA GLN C 47 -5.45 16.87 14.71
C GLN C 47 -5.16 15.41 14.39
N SER C 48 -4.91 15.11 13.13
CA SER C 48 -4.72 13.73 12.73
C SER C 48 -3.25 13.25 12.56
N PRO C 49 -2.76 12.35 13.43
CA PRO C 49 -1.42 11.81 13.44
C PRO C 49 -1.30 10.84 12.31
N GLN C 50 -0.12 10.66 11.76
CA GLN C 50 0.03 9.63 10.75
C GLN C 50 0.62 8.39 11.33
N LEU C 51 0.39 7.28 10.65
CA LEU C 51 0.80 6.00 11.12
C LEU C 51 2.11 5.49 10.56
N LEU C 52 3.00 5.20 11.47
CA LEU C 52 4.34 4.77 11.19
C LEU C 52 4.58 3.30 11.52
N ILE C 53 5.11 2.55 10.56
CA ILE C 53 5.37 1.12 10.77
C ILE C 53 6.76 0.72 11.17
N TYR C 54 6.86 0.05 12.30
CA TYR C 54 8.11 -0.46 12.83
C TYR C 54 8.08 -1.99 12.84
N ASP C 55 9.17 -2.62 12.42
CA ASP C 55 9.25 -4.05 12.38
C ASP C 55 9.87 -4.61 13.64
N ILE C 56 10.00 -5.93 13.72
CA ILE C 56 10.64 -6.50 14.90
C ILE C 56 12.15 -6.68 14.67
N SER C 57 12.62 -6.48 13.43
CA SER C 57 14.04 -6.52 13.14
C SER C 57 14.50 -5.31 12.32
N SER C 58 13.62 -4.30 12.13
CA SER C 58 13.99 -3.14 11.31
C SER C 58 13.31 -1.78 11.62
N ARG C 59 14.06 -0.73 11.29
CA ARG C 59 13.73 0.70 11.43
C ARG C 59 12.86 1.23 10.31
N PHE C 60 12.13 2.31 10.58
CA PHE C 60 11.29 2.93 9.56
C PHE C 60 11.48 4.41 9.40
N SER C 61 10.74 4.91 8.42
CA SER C 61 10.54 6.31 8.14
C SER C 61 9.09 6.32 7.64
N GLY C 62 8.41 7.44 7.79
CA GLY C 62 7.03 7.54 7.29
C GLY C 62 6.88 8.90 6.70
N VAL C 63 5.89 9.62 7.18
CA VAL C 63 5.77 10.99 6.77
C VAL C 63 6.95 11.77 7.42
N PRO C 64 7.16 11.74 8.77
CA PRO C 64 8.34 12.27 9.42
C PRO C 64 9.58 11.38 9.22
N ASP C 65 10.76 12.00 9.22
CA ASP C 65 12.04 11.29 9.16
C ASP C 65 12.69 11.00 10.51
N ARG C 66 12.43 11.82 11.53
CA ARG C 66 13.20 11.71 12.78
C ARG C 66 12.76 10.59 13.71
N PHE C 67 13.03 9.37 13.27
CA PHE C 67 12.76 8.15 14.01
C PHE C 67 13.91 7.18 14.04
N SER C 68 14.11 6.65 15.23
CA SER C 68 14.97 5.52 15.54
C SER C 68 14.32 4.88 16.72
N GLY C 69 14.84 3.77 17.22
CA GLY C 69 14.20 3.23 18.39
C GLY C 69 14.58 1.81 18.75
N SER C 70 14.81 1.61 20.03
CA SER C 70 15.21 0.34 20.61
C SER C 70 14.02 -0.56 20.87
N GLY C 71 13.44 -1.06 19.80
CA GLY C 71 12.32 -1.99 19.85
C GLY C 71 12.87 -3.41 20.05
N SER C 72 13.62 -3.58 21.14
CA SER C 72 14.41 -4.78 21.46
C SER C 72 13.71 -5.98 22.10
N GLY C 73 12.55 -5.79 22.69
CA GLY C 73 11.87 -6.87 23.38
C GLY C 73 10.47 -6.42 23.67
N THR C 74 9.88 -6.87 24.78
CA THR C 74 8.51 -6.45 25.08
C THR C 74 8.49 -4.98 25.46
N ASP C 75 9.67 -4.48 25.84
CA ASP C 75 9.88 -3.09 26.15
C ASP C 75 10.34 -2.43 24.86
N PHE C 76 9.44 -1.71 24.22
CA PHE C 76 9.72 -1.12 22.93
C PHE C 76 9.96 0.37 23.05
N THR C 77 11.16 0.82 22.66
CA THR C 77 11.45 2.24 22.81
C THR C 77 11.62 2.97 21.50
N LEU C 78 10.97 4.14 21.42
CA LEU C 78 11.13 5.04 20.31
C LEU C 78 12.14 6.09 20.69
N LYS C 79 13.05 6.34 19.79
CA LYS C 79 14.06 7.35 19.97
C LYS C 79 13.74 8.56 19.10
N ILE C 80 13.71 9.70 19.74
CA ILE C 80 13.42 10.94 19.08
C ILE C 80 14.78 11.55 18.90
N SER C 81 15.25 11.68 17.66
CA SER C 81 16.61 12.16 17.47
C SER C 81 16.79 13.58 17.99
N ARG C 82 15.73 14.35 17.89
CA ARG C 82 15.70 15.68 18.42
C ARG C 82 14.28 16.16 18.46
N VAL C 83 13.95 16.90 19.50
CA VAL C 83 12.68 17.55 19.54
C VAL C 83 12.90 18.98 19.18
N GLU C 84 12.34 19.39 18.07
CA GLU C 84 12.60 20.75 17.63
C GLU C 84 11.63 21.71 18.29
N ALA C 85 11.99 22.11 19.51
CA ALA C 85 11.22 23.01 20.34
C ALA C 85 9.75 22.61 20.43
N GLU C 86 8.85 23.50 19.97
CA GLU C 86 7.41 23.32 20.04
C GLU C 86 6.85 22.24 19.11
N ASP C 87 7.68 21.69 18.22
CA ASP C 87 7.18 20.67 17.34
C ASP C 87 7.17 19.36 18.11
N VAL C 88 6.11 19.22 18.91
CA VAL C 88 5.89 18.14 19.86
C VAL C 88 4.54 17.50 19.66
N GLY C 89 4.35 16.38 20.32
CA GLY C 89 3.09 15.71 20.30
C GLY C 89 3.11 14.53 21.20
N VAL C 90 1.95 13.94 21.34
CA VAL C 90 1.68 12.82 22.17
C VAL C 90 1.92 11.55 21.35
N TYR C 91 2.62 10.58 21.93
CA TYR C 91 2.96 9.35 21.22
C TYR C 91 2.22 8.11 21.70
N TYR C 92 1.68 7.35 20.75
CA TYR C 92 0.99 6.11 21.11
C TYR C 92 1.57 4.91 20.38
N CYS C 93 1.55 3.75 21.07
CA CYS C 93 1.97 2.43 20.58
C CYS C 93 0.74 1.65 20.08
N MET C 94 0.94 0.90 19.02
CA MET C 94 -0.10 0.03 18.49
C MET C 94 0.40 -1.37 18.12
N GLN C 95 -0.40 -2.38 18.49
CA GLN C 95 -0.14 -3.80 18.26
C GLN C 95 -1.32 -4.56 17.79
N GLY C 96 -1.17 -5.27 16.68
CA GLY C 96 -2.29 -5.99 16.05
C GLY C 96 -3.02 -6.94 16.96
N THR C 97 -2.30 -7.58 17.86
CA THR C 97 -2.92 -8.51 18.77
C THR C 97 -2.80 -8.12 20.26
N GLN C 98 -2.46 -6.83 20.59
CA GLN C 98 -2.22 -6.43 21.99
C GLN C 98 -2.81 -5.06 22.28
N PRO C 100 -6.74 -4.74 22.31
CA PRO C 100 -6.91 -3.44 21.70
C PRO C 100 -5.79 -3.17 20.71
N TRP C 101 -6.13 -2.79 19.44
CA TRP C 101 -5.11 -2.50 18.41
C TRP C 101 -4.30 -1.26 18.85
N THR C 102 -4.97 -0.13 19.10
CA THR C 102 -4.26 1.06 19.57
C THR C 102 -4.43 1.13 21.05
N PHE C 103 -3.35 1.30 21.78
CA PHE C 103 -3.53 1.41 23.20
C PHE C 103 -2.37 2.12 23.84
N GLY C 104 -2.64 3.05 24.74
CA GLY C 104 -1.55 3.72 25.42
C GLY C 104 -2.02 4.93 26.18
N GLN C 105 -1.06 5.61 26.79
CA GLN C 105 -1.33 6.80 27.58
C GLN C 105 -0.96 8.13 26.90
N GLY C 106 -0.08 8.11 25.87
CA GLY C 106 0.40 9.26 25.17
C GLY C 106 1.73 9.78 25.74
N LYS C 108 4.84 12.03 24.92
CA LYS C 108 5.00 13.03 25.95
C LYS C 108 3.82 14.03 25.88
N VAL C 109 3.97 15.24 26.48
CA VAL C 109 2.94 16.27 26.56
C VAL C 109 3.30 17.58 25.84
N GLU C 110 4.45 18.16 26.19
CA GLU C 110 4.82 19.49 25.68
C GLU C 110 6.33 19.72 25.78
N ILE C 111 6.85 20.86 25.31
CA ILE C 111 8.28 21.14 25.48
C ILE C 111 8.60 21.93 26.78
N LYS C 112 7.76 22.93 27.17
CA LYS C 112 7.80 23.84 28.34
C LYS C 112 7.66 25.29 27.84
C1 NAG D . 6.29 6.13 -2.73
C2 NAG D . 6.44 7.09 -3.99
C3 NAG D . 7.73 7.96 -3.80
C4 NAG D . 7.65 8.77 -2.47
C5 NAG D . 7.49 7.75 -1.28
C6 NAG D . 7.30 8.42 0.09
C7 NAG D . 6.00 6.50 -6.40
C8 NAG D . 6.20 5.59 -7.58
N2 NAG D . 6.58 6.23 -5.21
O3 NAG D . 7.85 8.90 -4.88
O4 NAG D . 8.84 9.53 -2.31
O5 NAG D . 6.27 6.93 -1.50
O6 NAG D . 7.51 7.50 1.16
O7 NAG D . 5.29 7.51 -6.54
H1 NAG D . 7.15 5.40 -2.71
H2 NAG D . 5.54 7.74 -4.04
H3 NAG D . 8.62 7.31 -3.81
H4 NAG D . 6.78 9.45 -2.51
H5 NAG D . 8.38 7.11 -1.23
H61 NAG D . 6.27 8.81 0.15
H62 NAG D . 8.02 9.24 0.20
H81 NAG D . 6.77 6.13 -8.35
H82 NAG D . 5.23 5.33 -8.03
H83 NAG D . 6.70 4.65 -7.28
HN2 NAG D . 7.14 5.41 -5.13
HO3 NAG D . 7.34 8.58 -5.67
HO4 NAG D . 9.05 9.97 -3.17
HO6 NAG D . 7.31 6.59 0.85
C1 NAG E . -4.33 21.53 -26.66
C2 NAG E . -4.76 20.58 -27.90
C3 NAG E . -4.70 21.48 -29.21
C4 NAG E . -5.63 22.72 -29.07
C5 NAG E . -5.18 23.57 -27.83
C6 NAG E . -6.12 24.75 -27.56
C7 NAG E . -4.17 18.34 -28.85
C8 NAG E . -3.21 17.22 -29.08
N2 NAG E . -3.86 19.40 -28.05
O3 NAG E . -5.07 20.76 -30.39
O4 NAG E . -5.54 23.48 -30.28
O5 NAG E . -5.20 22.72 -26.61
O6 NAG E . -5.72 25.47 -26.41
O7 NAG E . -5.28 18.29 -29.41
H1 NAG E . -3.26 21.86 -26.81
H2 NAG E . -5.81 20.25 -27.74
H3 NAG E . -3.65 21.81 -29.35
H4 NAG E . -6.66 22.37 -28.94
H5 NAG E . -4.16 23.97 -28.00
H61 NAG E . -7.14 24.36 -27.39
H62 NAG E . -6.11 25.43 -28.42
H81 NAG E . -2.18 17.54 -28.90
H82 NAG E . -3.26 16.90 -30.13
H83 NAG E . -3.50 16.35 -28.47
HN2 NAG E . -3.06 19.31 -27.45
HO3 NAG E . -5.41 19.87 -30.14
HO4 NAG E . -5.54 22.87 -31.05
HO6 NAG E . -5.59 24.86 -25.65
#